data_6DUM
#
_entry.id   6DUM
#
_cell.length_a   108.802
_cell.length_b   108.802
_cell.length_c   82.877
_cell.angle_alpha   90.000
_cell.angle_beta   90.000
_cell.angle_gamma   90.000
#
_symmetry.space_group_name_H-M   'P 4 2 2'
#
loop_
_entity.id
_entity.type
_entity.pdbx_description
1 polymer 'Retinal dehydrogenase 1'
2 non-polymer 'YTTERBIUM (III) ION'
3 non-polymer 6-{[(3-fluorophenyl)methyl]sulfanyl}-2-(oxetan-3-yl)-5-phenyl-2,5-dihydro-4H-pyrazolo[3,4-d]pyrimidin-4-one
4 non-polymer '1,4-DIHYDRONICOTINAMIDE ADENINE DINUCLEOTIDE'
5 non-polymer 'CHLORIDE ION'
6 water water
#
_entity_poly.entity_id   1
_entity_poly.type   'polypeptide(L)'
_entity_poly.pdbx_seq_one_letter_code
;MSSSGTPDLPVLLTDLKIQYTKIFINNEWHDSVSGKKFPVFNPATEEELCQVEEGDKEDVDKAVKAARQAFQIGSPWRTM
DASERGRLLYKLADLIERDRLLLATMESMNGGKLYSNAYLSDLAGCIKTLRYCAGWADKIQGRTIPIDGNFFTYTRHEPI
GVCGQIIPWNFPLVMLIWKIGPALSCGNTVVVKPAEQTPLTALHVASLIKEAGFPPGVVNIVPGYGPTAGAAISSHMDID
KVAFTGSTEVGKLIKEAAGKSNLKRVTLELGGKSPCIVLADADLDNAVEFAHHGVFYHQGQCCIAASRIFVEESIYDEFV
RRSVERAKKYILGNPLTPGVTQGPQIDKEQYDKILDLIESGKKEGAKLECGGGPWGNKGYFVQPTVFSNVTDEMRIAKEE
IFGPVQQIMKFKSLDDVIKRANNTFYGLSAGVFTKDIDKAITISSALQAGTVWVNCYGVVSAQCPFGGFKMSGNGRELGE
YGFHEYTEVKTVTVKISQKNS
;
_entity_poly.pdbx_strand_id   A
#
loop_
_chem_comp.id
_chem_comp.type
_chem_comp.name
_chem_comp.formula
A5Y non-polymer 6-{[(3-fluorophenyl)methyl]sulfanyl}-2-(oxetan-3-yl)-5-phenyl-2,5-dihydro-4H-pyrazolo[3,4-d]pyrimidin-4-one 'C21 H17 F N4 O2 S'
CL non-polymer 'CHLORIDE ION' 'Cl -1'
NAI non-polymer '1,4-DIHYDRONICOTINAMIDE ADENINE DINUCLEOTIDE' 'C21 H29 N7 O14 P2'
YB non-polymer 'YTTERBIUM (III) ION' 'Yb 3'
#
# COMPACT_ATOMS: atom_id res chain seq x y z
N ASP A 8 18.12 -7.40 19.67
CA ASP A 8 16.94 -6.58 20.12
C ASP A 8 15.69 -6.68 19.22
N LEU A 9 15.13 -7.88 19.15
CA LEU A 9 13.80 -8.09 18.60
C LEU A 9 12.92 -8.68 19.71
N PRO A 10 12.17 -7.82 20.42
CA PRO A 10 11.37 -8.29 21.53
C PRO A 10 10.10 -8.95 21.05
N VAL A 11 9.54 -9.86 21.84
CA VAL A 11 8.27 -10.49 21.54
C VAL A 11 7.24 -10.25 22.65
N LEU A 12 5.99 -10.54 22.31
CA LEU A 12 4.91 -10.65 23.28
C LEU A 12 5.29 -11.76 24.25
N LEU A 13 5.28 -11.43 25.55
CA LEU A 13 5.63 -12.40 26.59
C LEU A 13 4.40 -13.19 27.03
N THR A 14 3.23 -12.89 26.48
CA THR A 14 2.04 -13.72 26.67
C THR A 14 1.23 -13.85 25.36
N ASP A 15 0.37 -14.87 25.27
CA ASP A 15 -0.33 -15.20 24.02
C ASP A 15 -1.34 -14.14 23.59
N LEU A 16 -1.52 -14.01 22.28
CA LEU A 16 -2.41 -12.99 21.73
C LEU A 16 -3.88 -13.37 21.92
N LYS A 17 -4.62 -12.52 22.63
CA LYS A 17 -6.06 -12.69 22.76
C LYS A 17 -6.69 -11.72 21.78
N ILE A 18 -7.54 -12.22 20.89
CA ILE A 18 -8.28 -11.34 20.01
C ILE A 18 -9.48 -10.73 20.75
N GLN A 19 -9.61 -9.41 20.66
CA GLN A 19 -10.65 -8.68 21.36
C GLN A 19 -11.58 -7.87 20.45
N TYR A 20 -11.03 -7.18 19.46
CA TYR A 20 -11.83 -6.29 18.64
C TYR A 20 -12.24 -6.99 17.34
N THR A 21 -13.52 -7.31 17.25
CA THR A 21 -14.06 -8.08 16.14
C THR A 21 -15.33 -7.45 15.51
N LYS A 22 -15.61 -6.20 15.82
CA LYS A 22 -16.87 -5.59 15.40
C LYS A 22 -16.66 -4.40 14.47
N ILE A 23 -17.76 -3.98 13.88
CA ILE A 23 -17.80 -2.79 13.06
C ILE A 23 -17.65 -1.57 13.96
N PHE A 24 -16.79 -0.63 13.53
CA PHE A 24 -16.44 0.58 14.32
C PHE A 24 -17.08 1.83 13.70
N ILE A 25 -18.14 2.36 14.31
CA ILE A 25 -18.84 3.56 13.81
C ILE A 25 -19.20 4.49 14.97
N ASN A 26 -18.86 5.76 14.83
CA ASN A 26 -19.07 6.78 15.85
C ASN A 26 -18.42 6.42 17.18
N ASN A 27 -17.25 5.79 17.08
CA ASN A 27 -16.49 5.31 18.23
C ASN A 27 -17.25 4.26 19.04
N GLU A 28 -18.23 3.60 18.39
CA GLU A 28 -19.05 2.54 18.97
C GLU A 28 -18.74 1.25 18.21
N TRP A 29 -18.74 0.13 18.95
CA TRP A 29 -18.64 -1.20 18.37
C TRP A 29 -20.02 -1.71 18.01
N HIS A 30 -20.26 -2.02 16.73
CA HIS A 30 -21.58 -2.41 16.22
C HIS A 30 -21.58 -3.84 15.69
N ASP A 31 -22.71 -4.54 15.82
CA ASP A 31 -22.90 -5.80 15.10
C ASP A 31 -23.31 -5.42 13.69
N SER A 32 -23.27 -6.39 12.80
CA SER A 32 -23.70 -6.18 11.45
C SER A 32 -25.22 -6.07 11.44
N VAL A 33 -25.74 -5.29 10.49
CA VAL A 33 -27.18 -5.15 10.38
C VAL A 33 -27.79 -6.50 10.12
N SER A 34 -27.16 -7.31 9.27
CA SER A 34 -27.65 -8.66 8.95
C SER A 34 -27.51 -9.64 10.10
N GLY A 35 -26.57 -9.36 11.00
CA GLY A 35 -26.17 -10.29 12.04
C GLY A 35 -25.13 -11.28 11.56
N LYS A 36 -24.68 -11.13 10.32
CA LYS A 36 -23.74 -12.07 9.71
C LYS A 36 -22.34 -11.79 10.18
N LYS A 37 -21.53 -12.84 10.28
CA LYS A 37 -20.12 -12.74 10.62
C LYS A 37 -19.39 -13.59 9.60
N PHE A 38 -18.10 -13.33 9.46
CA PHE A 38 -17.27 -14.10 8.59
C PHE A 38 -15.98 -14.51 9.30
N PRO A 39 -15.46 -15.71 8.96
CA PRO A 39 -14.19 -16.18 9.50
C PRO A 39 -12.96 -15.39 9.04
N VAL A 40 -11.98 -15.28 9.92
CA VAL A 40 -10.65 -14.81 9.62
C VAL A 40 -9.68 -15.97 9.92
N PHE A 41 -8.71 -16.19 9.00
CA PHE A 41 -7.75 -17.32 9.08
C PHE A 41 -6.30 -16.87 9.28
N ASN A 42 -5.47 -17.80 9.71
CA ASN A 42 -4.02 -17.64 9.73
C ASN A 42 -3.45 -18.37 8.49
N PRO A 43 -2.91 -17.62 7.51
CA PRO A 43 -2.38 -18.25 6.27
C PRO A 43 -1.27 -19.33 6.45
N ALA A 44 -0.57 -19.31 7.59
CA ALA A 44 0.46 -20.29 7.91
C ALA A 44 -0.10 -21.64 8.35
N THR A 45 -1.24 -21.64 9.04
CA THR A 45 -1.84 -22.92 9.50
C THR A 45 -3.15 -23.28 8.80
N GLU A 46 -3.74 -22.31 8.09
CA GLU A 46 -5.06 -22.47 7.46
C GLU A 46 -6.19 -22.60 8.48
N GLU A 47 -5.92 -22.17 9.72
CA GLU A 47 -6.89 -22.32 10.80
C GLU A 47 -7.51 -20.96 11.13
N GLU A 48 -8.82 -21.01 11.35
CA GLU A 48 -9.60 -19.86 11.74
C GLU A 48 -9.08 -19.29 13.05
N LEU A 49 -8.86 -17.99 13.06
CA LEU A 49 -8.43 -17.26 14.25
C LEU A 49 -9.64 -16.79 15.04
N CYS A 50 -10.66 -16.27 14.36
CA CYS A 50 -11.85 -15.75 15.01
C CYS A 50 -12.86 -15.44 13.93
N GLN A 51 -14.02 -14.95 14.37
CA GLN A 51 -15.05 -14.42 13.49
C GLN A 51 -15.25 -12.93 13.70
N VAL A 52 -15.57 -12.23 12.62
CA VAL A 52 -15.66 -10.78 12.61
C VAL A 52 -16.98 -10.39 11.98
N GLU A 53 -17.58 -9.29 12.44
CA GLU A 53 -18.87 -8.83 11.93
C GLU A 53 -18.75 -8.52 10.45
N GLU A 54 -19.60 -9.11 9.61
CA GLU A 54 -19.56 -8.85 8.17
C GLU A 54 -20.34 -7.60 7.80
N GLY A 55 -19.63 -6.51 7.56
CA GLY A 55 -20.23 -5.31 7.03
C GLY A 55 -20.67 -5.44 5.58
N ASP A 56 -21.81 -4.83 5.28
CA ASP A 56 -22.38 -4.81 3.93
C ASP A 56 -22.94 -3.38 3.64
N LYS A 57 -23.71 -3.24 2.57
CA LYS A 57 -24.23 -1.92 2.18
C LYS A 57 -24.84 -1.14 3.36
N GLU A 58 -25.74 -1.79 4.11
CA GLU A 58 -26.40 -1.11 5.25
C GLU A 58 -25.35 -0.47 6.16
N ASP A 59 -24.33 -1.25 6.51
CA ASP A 59 -23.36 -0.82 7.51
C ASP A 59 -22.52 0.27 6.95
N VAL A 60 -22.17 0.15 5.66
CA VAL A 60 -21.48 1.24 4.99
C VAL A 60 -22.33 2.53 5.04
N ASP A 61 -23.62 2.45 4.76
CA ASP A 61 -24.50 3.63 4.86
C ASP A 61 -24.45 4.30 6.24
N LYS A 62 -24.35 3.48 7.31
CA LYS A 62 -24.26 3.99 8.68
C LYS A 62 -22.95 4.68 8.91
N ALA A 63 -21.87 4.11 8.38
CA ALA A 63 -20.56 4.75 8.51
C ALA A 63 -20.52 6.06 7.76
N VAL A 64 -21.16 6.11 6.59
CA VAL A 64 -21.20 7.35 5.81
C VAL A 64 -21.99 8.43 6.49
N LYS A 65 -23.16 8.07 7.00
CA LYS A 65 -23.94 9.01 7.80
C LYS A 65 -23.12 9.57 8.97
N ALA A 66 -22.41 8.72 9.71
CA ALA A 66 -21.55 9.16 10.81
C ALA A 66 -20.39 10.07 10.40
N ALA A 67 -19.69 9.67 9.33
CA ALA A 67 -18.62 10.46 8.75
C ALA A 67 -19.12 11.81 8.24
N ARG A 68 -20.28 11.83 7.60
CA ARG A 68 -20.85 13.07 7.11
C ARG A 68 -21.20 14.01 8.26
N GLN A 69 -21.83 13.46 9.29
CA GLN A 69 -22.19 14.26 10.46
C GLN A 69 -20.94 14.87 11.10
N ALA A 70 -19.90 14.06 11.27
CA ALA A 70 -18.64 14.57 11.84
C ALA A 70 -17.98 15.63 10.97
N PHE A 71 -18.31 15.69 9.68
CA PHE A 71 -17.72 16.68 8.80
C PHE A 71 -18.53 17.98 8.71
N GLN A 72 -19.74 18.01 9.29
CA GLN A 72 -20.58 19.21 9.16
C GLN A 72 -19.91 20.45 9.71
N ILE A 73 -20.17 21.57 9.04
CA ILE A 73 -19.69 22.85 9.48
C ILE A 73 -20.13 23.06 10.93
N GLY A 74 -19.20 23.51 11.77
CA GLY A 74 -19.51 23.65 13.19
C GLY A 74 -19.22 22.44 14.07
N SER A 75 -18.85 21.30 13.51
CA SER A 75 -18.58 20.13 14.34
C SER A 75 -17.21 20.27 14.98
N PRO A 76 -16.93 19.47 16.02
CA PRO A 76 -15.63 19.53 16.69
C PRO A 76 -14.43 19.30 15.75
N TRP A 77 -14.55 18.40 14.78
CA TRP A 77 -13.47 18.11 13.83
C TRP A 77 -13.24 19.21 12.79
N ARG A 78 -14.28 19.91 12.39
CA ARG A 78 -14.10 21.10 11.55
C ARG A 78 -13.57 22.32 12.33
N THR A 79 -14.01 22.51 13.56
CA THR A 79 -13.68 23.74 14.28
C THR A 79 -12.39 23.64 15.12
N MET A 80 -11.92 22.43 15.40
CA MET A 80 -10.76 22.32 16.24
C MET A 80 -9.56 22.86 15.48
N ASP A 81 -8.60 23.37 16.24
CA ASP A 81 -7.34 23.82 15.68
C ASP A 81 -6.68 22.72 14.85
N ALA A 82 -6.08 23.14 13.74
CA ALA A 82 -5.36 22.21 12.89
C ALA A 82 -4.25 21.50 13.66
N SER A 83 -3.55 22.26 14.52
CA SER A 83 -2.51 21.70 15.39
C SER A 83 -3.03 20.67 16.36
N GLU A 84 -4.32 20.75 16.69
CA GLU A 84 -4.94 19.77 17.55
C GLU A 84 -5.30 18.52 16.76
N ARG A 85 -5.71 18.66 15.51
CA ARG A 85 -5.72 17.47 14.64
C ARG A 85 -4.35 16.76 14.66
N GLY A 86 -3.26 17.53 14.58
CA GLY A 86 -1.92 16.95 14.54
C GLY A 86 -1.56 16.31 15.86
N ARG A 87 -1.98 16.97 16.92
CA ARG A 87 -1.81 16.45 18.28
C ARG A 87 -2.40 15.06 18.42
N LEU A 88 -3.60 14.87 17.86
CA LEU A 88 -4.27 13.60 17.94
C LEU A 88 -3.55 12.48 17.16
N LEU A 89 -3.09 12.79 15.95
CA LEU A 89 -2.34 11.81 15.18
C LEU A 89 -1.05 11.42 15.90
N TYR A 90 -0.40 12.39 16.52
CA TYR A 90 0.82 12.10 17.25
C TYR A 90 0.53 11.19 18.44
N LYS A 91 -0.56 11.46 19.16
CA LYS A 91 -0.98 10.62 20.24
C LYS A 91 -1.30 9.21 19.72
N LEU A 92 -1.99 9.11 18.59
CA LEU A 92 -2.29 7.80 18.03
C LEU A 92 -1.01 7.06 17.73
N ALA A 93 0.01 7.78 17.29
CA ALA A 93 1.29 7.15 17.03
C ALA A 93 1.93 6.65 18.33
N ASP A 94 1.87 7.43 19.39
CA ASP A 94 2.35 6.96 20.71
C ASP A 94 1.65 5.69 21.14
N LEU A 95 0.34 5.60 20.88
CA LEU A 95 -0.43 4.45 21.30
C LEU A 95 -0.05 3.21 20.51
N ILE A 96 0.13 3.40 19.20
CA ILE A 96 0.57 2.29 18.37
C ILE A 96 1.96 1.85 18.81
N GLU A 97 2.80 2.82 19.16
CA GLU A 97 4.08 2.49 19.72
C GLU A 97 3.90 1.67 21.02
N ARG A 98 2.93 2.04 21.86
CA ARG A 98 2.67 1.31 23.11
C ARG A 98 2.26 -0.15 22.86
N ASP A 99 1.40 -0.38 21.86
CA ASP A 99 0.93 -1.73 21.56
C ASP A 99 1.66 -2.30 20.34
N ARG A 100 2.93 -1.96 20.21
CA ARG A 100 3.71 -2.40 19.06
C ARG A 100 3.89 -3.91 19.04
N LEU A 101 4.16 -4.51 20.21
CA LEU A 101 4.32 -5.97 20.29
C LEU A 101 3.03 -6.67 19.91
N LEU A 102 1.95 -6.24 20.53
CA LEU A 102 0.60 -6.73 20.22
C LEU A 102 0.28 -6.60 18.72
N LEU A 103 0.47 -5.41 18.17
CA LEU A 103 0.06 -5.14 16.80
C LEU A 103 0.93 -5.89 15.79
N ALA A 104 2.24 -5.99 16.07
CA ALA A 104 3.16 -6.68 15.17
C ALA A 104 2.87 -8.19 15.17
N THR A 105 2.45 -8.71 16.32
CA THR A 105 2.10 -10.11 16.44
C THR A 105 0.79 -10.38 15.69
N MET A 106 -0.20 -9.53 15.91
CA MET A 106 -1.47 -9.69 15.21
C MET A 106 -1.26 -9.66 13.71
N GLU A 107 -0.42 -8.75 13.26
CA GLU A 107 -0.16 -8.57 11.85
C GLU A 107 0.48 -9.81 11.28
N SER A 108 1.52 -10.33 11.96
CA SER A 108 2.20 -11.56 11.56
C SER A 108 1.24 -12.75 11.46
N MET A 109 0.49 -12.98 12.54
CA MET A 109 -0.43 -14.13 12.63
C MET A 109 -1.58 -14.07 11.58
N ASN A 110 -2.19 -12.92 11.41
CA ASN A 110 -3.27 -12.74 10.44
C ASN A 110 -2.75 -12.57 9.00
N GLY A 111 -1.60 -11.91 8.81
CA GLY A 111 -1.13 -11.52 7.48
C GLY A 111 -0.14 -12.46 6.80
N GLY A 112 0.32 -13.49 7.52
CA GLY A 112 1.39 -14.38 7.03
C GLY A 112 2.73 -13.67 6.91
N LYS A 113 2.91 -12.64 7.75
CA LYS A 113 4.02 -11.71 7.60
C LYS A 113 5.10 -11.98 8.62
N LEU A 114 6.34 -12.12 8.16
CA LEU A 114 7.48 -12.40 9.05
C LEU A 114 7.41 -11.43 10.21
N TYR A 115 7.58 -11.95 11.41
CA TYR A 115 7.38 -11.15 12.60
C TYR A 115 8.46 -10.06 12.74
N SER A 116 9.71 -10.38 12.44
CA SER A 116 10.79 -9.38 12.51
C SER A 116 10.55 -8.23 11.56
N ASN A 117 10.02 -8.52 10.37
CA ASN A 117 9.62 -7.44 9.46
C ASN A 117 8.44 -6.65 10.00
N ALA A 118 7.42 -7.35 10.48
CA ALA A 118 6.26 -6.69 11.08
C ALA A 118 6.69 -5.73 12.17
N TYR A 119 7.50 -6.21 13.10
CA TYR A 119 7.95 -5.39 14.22
C TYR A 119 8.86 -4.24 13.77
N LEU A 120 9.93 -4.57 13.04
CA LEU A 120 11.02 -3.62 12.78
C LEU A 120 10.72 -2.70 11.63
N SER A 121 9.82 -3.13 10.73
CA SER A 121 9.53 -2.38 9.53
C SER A 121 8.09 -1.85 9.49
N ASP A 122 7.09 -2.73 9.44
CA ASP A 122 5.70 -2.26 9.32
C ASP A 122 5.30 -1.37 10.48
N LEU A 123 5.61 -1.82 11.70
CA LEU A 123 5.21 -1.05 12.86
C LEU A 123 5.95 0.28 12.91
N ALA A 124 7.28 0.23 12.75
CA ALA A 124 8.08 1.46 12.67
C ALA A 124 7.59 2.41 11.60
N GLY A 125 7.18 1.86 10.46
CA GLY A 125 6.66 2.68 9.37
C GLY A 125 5.35 3.37 9.69
N CYS A 126 4.44 2.62 10.32
CA CYS A 126 3.17 3.17 10.75
C CYS A 126 3.42 4.36 11.70
N ILE A 127 4.27 4.12 12.69
CA ILE A 127 4.55 5.10 13.71
C ILE A 127 5.19 6.34 13.11
N LYS A 128 6.21 6.14 12.30
CA LYS A 128 6.89 7.25 11.61
C LYS A 128 5.97 8.01 10.65
N THR A 129 5.11 7.29 9.94
CA THR A 129 4.22 7.95 8.99
C THR A 129 3.15 8.75 9.68
N LEU A 130 2.64 8.25 10.81
CA LEU A 130 1.67 9.02 11.59
C LEU A 130 2.33 10.30 12.10
N ARG A 131 3.50 10.18 12.70
CA ARG A 131 4.20 11.38 13.16
C ARG A 131 4.48 12.37 12.02
N TYR A 132 4.85 11.86 10.86
CA TYR A 132 5.01 12.69 9.65
C TYR A 132 3.69 13.41 9.31
N CYS A 133 2.62 12.66 9.15
CA CYS A 133 1.32 13.27 8.84
C CYS A 133 0.83 14.23 9.91
N ALA A 134 1.14 13.94 11.18
CA ALA A 134 0.77 14.84 12.29
C ALA A 134 1.39 16.21 12.07
N GLY A 135 2.66 16.21 11.67
CA GLY A 135 3.42 17.44 11.48
C GLY A 135 2.87 18.36 10.39
N TRP A 136 2.19 17.81 9.38
CA TRP A 136 1.65 18.62 8.28
C TRP A 136 0.35 19.32 8.63
N ALA A 137 -0.34 18.89 9.69
CA ALA A 137 -1.71 19.35 9.94
C ALA A 137 -1.88 20.87 9.90
N ASP A 138 -1.08 21.58 10.68
CA ASP A 138 -1.17 23.02 10.78
C ASP A 138 -0.19 23.74 9.82
N LYS A 139 0.25 23.01 8.80
CA LYS A 139 1.11 23.55 7.77
C LYS A 139 0.44 23.41 6.40
N ILE A 140 -0.84 23.06 6.37
CA ILE A 140 -1.58 22.99 5.13
C ILE A 140 -2.14 24.38 4.88
N GLN A 141 -1.75 25.01 3.77
CA GLN A 141 -1.95 26.43 3.58
C GLN A 141 -2.51 26.76 2.23
N GLY A 142 -3.35 27.79 2.18
CA GLY A 142 -3.81 28.29 0.87
C GLY A 142 -2.89 29.37 0.34
N ARG A 143 -3.42 30.24 -0.51
CA ARG A 143 -2.63 31.31 -1.09
C ARG A 143 -3.38 32.61 -1.04
N THR A 144 -2.65 33.71 -1.10
CA THR A 144 -3.19 35.00 -1.47
C THR A 144 -2.60 35.34 -2.83
N ILE A 145 -3.44 35.87 -3.72
CA ILE A 145 -3.19 35.86 -5.15
C ILE A 145 -3.45 37.22 -5.74
N PRO A 146 -2.44 37.80 -6.43
CA PRO A 146 -2.53 39.12 -7.10
C PRO A 146 -3.34 39.09 -8.42
N ILE A 147 -4.62 38.76 -8.27
CA ILE A 147 -5.57 38.68 -9.38
C ILE A 147 -5.67 40.01 -10.14
N ASP A 148 -5.98 39.98 -11.42
CA ASP A 148 -6.33 41.19 -12.13
C ASP A 148 -7.56 41.89 -11.53
N GLY A 149 -7.61 43.22 -11.62
CA GLY A 149 -8.74 43.99 -11.15
C GLY A 149 -8.73 44.24 -9.65
N ASN A 150 -9.66 45.08 -9.18
CA ASN A 150 -9.69 45.49 -7.78
C ASN A 150 -10.40 44.47 -6.89
N PHE A 151 -9.65 43.43 -6.55
CA PHE A 151 -10.20 42.33 -5.76
C PHE A 151 -9.16 41.80 -4.80
N PHE A 152 -9.65 41.24 -3.70
CA PHE A 152 -8.83 40.47 -2.78
C PHE A 152 -9.19 39.02 -2.96
N THR A 153 -8.21 38.20 -3.35
CA THR A 153 -8.46 36.79 -3.64
C THR A 153 -7.55 35.90 -2.79
N TYR A 154 -8.16 34.91 -2.12
CA TYR A 154 -7.39 33.95 -1.39
C TYR A 154 -7.96 32.59 -1.68
N THR A 155 -7.24 31.55 -1.28
CA THR A 155 -7.73 30.18 -1.41
C THR A 155 -7.65 29.48 -0.07
N ARG A 156 -8.62 28.63 0.18
CA ARG A 156 -8.64 27.76 1.31
C ARG A 156 -8.42 26.38 0.75
N HIS A 157 -7.44 25.67 1.29
CA HIS A 157 -7.25 24.27 0.97
C HIS A 157 -7.99 23.50 2.04
N GLU A 158 -9.26 23.23 1.75
CA GLU A 158 -10.17 22.57 2.68
C GLU A 158 -10.08 21.05 2.58
N PRO A 159 -10.50 20.35 3.65
CA PRO A 159 -10.69 18.93 3.44
C PRO A 159 -11.78 18.71 2.39
N ILE A 160 -11.73 17.56 1.74
CA ILE A 160 -12.70 17.20 0.72
C ILE A 160 -14.00 16.90 1.43
N GLY A 161 -13.97 15.94 2.34
CA GLY A 161 -15.19 15.53 3.04
C GLY A 161 -15.06 14.10 3.48
N VAL A 162 -16.07 13.30 3.14
CA VAL A 162 -16.08 11.90 3.51
C VAL A 162 -15.25 11.09 2.48
N CYS A 163 -14.13 10.50 2.93
CA CYS A 163 -13.26 9.70 2.08
C CYS A 163 -13.39 8.20 2.41
N GLY A 164 -13.82 7.41 1.43
CA GLY A 164 -13.82 5.96 1.56
C GLY A 164 -12.48 5.42 1.13
N GLN A 165 -11.98 4.44 1.86
CA GLN A 165 -10.61 4.00 1.73
C GLN A 165 -10.59 2.50 1.78
N ILE A 166 -10.23 1.90 0.65
CA ILE A 166 -10.28 0.47 0.48
C ILE A 166 -8.85 -0.07 0.37
N ILE A 167 -8.58 -1.03 1.26
CA ILE A 167 -7.27 -1.40 1.73
C ILE A 167 -7.07 -2.88 1.38
N PRO A 168 -5.84 -3.26 0.97
CA PRO A 168 -5.51 -4.65 0.66
C PRO A 168 -4.92 -5.39 1.87
N TRP A 169 -4.41 -6.60 1.65
CA TRP A 169 -4.03 -7.52 2.72
C TRP A 169 -2.51 -7.69 2.88
N ASN A 170 -1.75 -7.13 1.94
CA ASN A 170 -0.32 -7.35 1.95
C ASN A 170 0.39 -6.52 3.01
N PHE A 171 -0.08 -5.29 3.23
CA PHE A 171 0.43 -4.42 4.29
C PHE A 171 -0.75 -3.76 5.00
N PRO A 172 -1.51 -4.56 5.78
CA PRO A 172 -2.79 -4.09 6.32
C PRO A 172 -2.66 -2.81 7.15
N LEU A 173 -1.65 -2.79 7.99
CA LEU A 173 -1.49 -1.71 8.93
C LEU A 173 -0.89 -0.52 8.20
N VAL A 174 0.18 -0.77 7.45
CA VAL A 174 0.87 0.30 6.75
C VAL A 174 -0.13 1.01 5.81
N MET A 175 -0.93 0.24 5.10
CA MET A 175 -1.90 0.82 4.18
C MET A 175 -2.98 1.61 4.92
N LEU A 176 -3.39 1.15 6.08
CA LEU A 176 -4.37 1.88 6.90
C LEU A 176 -3.83 3.24 7.29
N ILE A 177 -2.59 3.26 7.77
CA ILE A 177 -1.93 4.52 8.14
C ILE A 177 -1.66 5.42 6.94
N TRP A 178 -1.29 4.84 5.81
CA TRP A 178 -1.05 5.67 4.60
C TRP A 178 -2.33 6.36 4.16
N LYS A 179 -3.44 5.64 4.28
CA LYS A 179 -4.74 6.20 3.95
C LYS A 179 -5.24 7.21 4.99
N ILE A 180 -5.22 6.85 6.28
CA ILE A 180 -5.88 7.73 7.28
C ILE A 180 -5.01 8.91 7.77
N GLY A 181 -3.69 8.74 7.77
CA GLY A 181 -2.76 9.80 8.23
C GLY A 181 -2.94 11.13 7.48
N PRO A 182 -2.70 11.10 6.17
CA PRO A 182 -2.93 12.25 5.30
C PRO A 182 -4.37 12.76 5.33
N ALA A 183 -5.33 11.86 5.35
CA ALA A 183 -6.74 12.24 5.22
C ALA A 183 -7.18 13.02 6.43
N LEU A 184 -6.82 12.51 7.61
CA LEU A 184 -7.12 13.13 8.88
C LEU A 184 -6.30 14.37 9.13
N SER A 185 -5.04 14.37 8.74
CA SER A 185 -4.22 15.59 8.85
C SER A 185 -4.89 16.76 8.11
N CYS A 186 -5.49 16.47 6.97
CA CYS A 186 -6.14 17.50 6.13
C CYS A 186 -7.57 17.79 6.59
N GLY A 187 -8.08 17.00 7.53
CA GLY A 187 -9.36 17.34 8.17
C GLY A 187 -10.55 16.63 7.59
N ASN A 188 -10.29 15.59 6.80
CA ASN A 188 -11.34 14.75 6.24
C ASN A 188 -11.84 13.81 7.31
N THR A 189 -12.96 13.17 7.01
CA THR A 189 -13.45 12.03 7.76
C THR A 189 -13.41 10.78 6.85
N VAL A 190 -13.26 9.61 7.45
CA VAL A 190 -12.99 8.42 6.66
C VAL A 190 -13.88 7.21 6.98
N VAL A 191 -14.15 6.43 5.94
CA VAL A 191 -14.82 5.15 6.05
C VAL A 191 -13.86 4.17 5.42
N VAL A 192 -13.25 3.34 6.26
CA VAL A 192 -12.23 2.40 5.83
C VAL A 192 -12.79 0.98 5.69
N LYS A 193 -12.52 0.32 4.57
CA LYS A 193 -12.85 -1.09 4.41
C LYS A 193 -11.58 -1.96 4.32
N PRO A 194 -11.20 -2.61 5.43
CA PRO A 194 -10.03 -3.50 5.35
C PRO A 194 -10.21 -4.66 4.41
N ALA A 195 -9.10 -5.30 4.03
CA ALA A 195 -9.18 -6.55 3.30
C ALA A 195 -9.92 -7.53 4.19
N GLU A 196 -10.80 -8.33 3.60
CA GLU A 196 -11.53 -9.35 4.30
C GLU A 196 -10.58 -10.35 4.98
N GLN A 197 -9.44 -10.61 4.35
CA GLN A 197 -8.44 -11.53 4.90
C GLN A 197 -7.81 -10.95 6.19
N THR A 198 -7.77 -9.61 6.29
CA THR A 198 -6.95 -8.95 7.30
C THR A 198 -7.62 -7.77 7.95
N PRO A 199 -8.77 -7.99 8.62
CA PRO A 199 -9.41 -6.88 9.36
C PRO A 199 -8.84 -6.60 10.74
N LEU A 200 -8.10 -7.54 11.33
CA LEU A 200 -7.92 -7.52 12.80
C LEU A 200 -7.10 -6.35 13.30
N THR A 201 -6.00 -6.03 12.62
CA THR A 201 -5.13 -4.97 13.08
C THR A 201 -5.80 -3.60 12.94
N ALA A 202 -6.69 -3.46 11.96
CA ALA A 202 -7.39 -2.21 11.73
C ALA A 202 -8.35 -1.92 12.89
N LEU A 203 -9.01 -2.97 13.35
CA LEU A 203 -9.92 -2.87 14.47
C LEU A 203 -9.17 -2.62 15.77
N HIS A 204 -7.97 -3.20 15.94
CA HIS A 204 -7.21 -2.82 17.14
C HIS A 204 -6.90 -1.33 17.12
N VAL A 205 -6.40 -0.83 16.00
CA VAL A 205 -6.12 0.60 15.82
C VAL A 205 -7.36 1.47 16.07
N ALA A 206 -8.52 1.01 15.62
CA ALA A 206 -9.77 1.70 15.92
C ALA A 206 -9.97 1.93 17.43
N SER A 207 -9.60 0.95 18.27
CA SER A 207 -9.70 1.12 19.73
C SER A 207 -8.77 2.20 20.19
N LEU A 208 -7.62 2.33 19.55
CA LEU A 208 -6.69 3.38 19.89
C LEU A 208 -7.13 4.75 19.39
N ILE A 209 -7.90 4.77 18.31
CA ILE A 209 -8.49 6.01 17.81
C ILE A 209 -9.45 6.56 18.87
N LYS A 210 -10.29 5.69 19.42
CA LYS A 210 -11.15 6.07 20.52
C LYS A 210 -10.34 6.54 21.73
N GLU A 211 -9.40 5.72 22.20
CA GLU A 211 -8.56 6.08 23.36
C GLU A 211 -7.81 7.41 23.21
N ALA A 212 -7.39 7.74 21.99
CA ALA A 212 -6.68 8.98 21.69
C ALA A 212 -7.61 10.18 21.77
N GLY A 213 -8.88 9.95 21.48
CA GLY A 213 -9.92 10.95 21.67
C GLY A 213 -10.35 11.65 20.39
N PHE A 214 -10.21 10.97 19.25
CA PHE A 214 -10.71 11.56 18.01
C PHE A 214 -12.22 11.72 18.16
N PRO A 215 -12.80 12.81 17.63
CA PRO A 215 -14.24 12.93 17.72
C PRO A 215 -14.92 11.74 17.05
N PRO A 216 -16.08 11.30 17.59
CA PRO A 216 -16.76 10.16 16.99
C PRO A 216 -17.21 10.48 15.54
N GLY A 217 -17.06 9.50 14.65
CA GLY A 217 -17.43 9.62 13.24
C GLY A 217 -16.31 10.06 12.32
N VAL A 218 -15.18 10.44 12.92
CA VAL A 218 -14.01 10.84 12.15
C VAL A 218 -13.33 9.65 11.48
N VAL A 219 -13.24 8.52 12.20
CA VAL A 219 -12.78 7.27 11.61
C VAL A 219 -13.80 6.18 11.87
N ASN A 220 -14.26 5.56 10.79
CA ASN A 220 -15.21 4.47 10.84
C ASN A 220 -14.59 3.31 10.06
N ILE A 221 -14.59 2.13 10.63
CA ILE A 221 -13.96 0.96 9.99
C ILE A 221 -15.01 -0.11 9.79
N VAL A 222 -15.18 -0.54 8.55
CA VAL A 222 -16.25 -1.48 8.20
C VAL A 222 -15.62 -2.69 7.57
N PRO A 223 -15.33 -3.73 8.40
CA PRO A 223 -14.74 -4.91 7.77
C PRO A 223 -15.79 -5.60 6.92
N GLY A 224 -15.32 -6.35 5.93
CA GLY A 224 -16.17 -7.15 5.06
C GLY A 224 -15.58 -7.37 3.68
N TYR A 225 -16.46 -7.75 2.75
CA TYR A 225 -16.04 -8.20 1.42
C TYR A 225 -16.15 -7.11 0.34
N GLY A 226 -15.40 -7.33 -0.73
CA GLY A 226 -15.18 -6.36 -1.79
C GLY A 226 -16.40 -6.04 -2.61
N PRO A 227 -17.01 -7.06 -3.26
CA PRO A 227 -18.23 -6.81 -4.08
C PRO A 227 -19.43 -6.29 -3.28
N THR A 228 -19.37 -6.43 -1.96
CA THR A 228 -20.43 -6.02 -1.06
C THR A 228 -20.05 -4.68 -0.38
N ALA A 229 -19.24 -4.74 0.67
CA ALA A 229 -18.85 -3.50 1.36
C ALA A 229 -18.07 -2.58 0.42
N GLY A 230 -17.05 -3.13 -0.23
CA GLY A 230 -16.23 -2.33 -1.16
C GLY A 230 -17.03 -1.60 -2.21
N ALA A 231 -17.94 -2.31 -2.87
CA ALA A 231 -18.73 -1.72 -3.95
C ALA A 231 -19.67 -0.64 -3.44
N ALA A 232 -20.25 -0.86 -2.25
CA ALA A 232 -21.14 0.14 -1.68
C ALA A 232 -20.43 1.47 -1.50
N ILE A 233 -19.15 1.41 -1.18
CA ILE A 233 -18.33 2.59 -1.01
C ILE A 233 -18.15 3.25 -2.37
N SER A 234 -17.67 2.49 -3.34
CA SER A 234 -17.35 3.02 -4.64
C SER A 234 -18.57 3.64 -5.31
N SER A 235 -19.73 3.05 -5.07
CA SER A 235 -20.99 3.56 -5.64
C SER A 235 -21.77 4.49 -4.71
N HIS A 236 -21.21 4.91 -3.58
CA HIS A 236 -21.97 5.71 -2.62
C HIS A 236 -22.18 7.16 -3.08
N MET A 237 -23.43 7.62 -3.07
CA MET A 237 -23.76 8.99 -3.48
C MET A 237 -23.35 10.10 -2.49
N ASP A 238 -22.89 9.75 -1.29
CA ASP A 238 -22.48 10.76 -0.33
C ASP A 238 -21.04 10.62 0.16
N ILE A 239 -20.24 9.87 -0.59
CA ILE A 239 -18.83 9.77 -0.31
C ILE A 239 -18.15 10.64 -1.36
N ASP A 240 -17.27 11.52 -0.91
CA ASP A 240 -16.66 12.52 -1.78
C ASP A 240 -15.44 12.04 -2.56
N LYS A 241 -14.74 11.05 -2.00
CA LYS A 241 -13.52 10.54 -2.59
C LYS A 241 -13.30 9.11 -2.13
N VAL A 242 -12.83 8.27 -3.04
CA VAL A 242 -12.44 6.93 -2.70
C VAL A 242 -10.97 6.74 -3.08
N ALA A 243 -10.21 6.15 -2.15
CA ALA A 243 -8.81 5.79 -2.38
C ALA A 243 -8.72 4.30 -2.23
N PHE A 244 -7.89 3.69 -3.08
CA PHE A 244 -7.80 2.26 -3.20
C PHE A 244 -6.40 1.77 -3.55
N THR A 245 -5.99 0.70 -2.88
CA THR A 245 -4.81 -0.04 -3.28
C THR A 245 -5.16 -1.52 -3.46
N GLY A 246 -4.78 -2.10 -4.59
CA GLY A 246 -5.14 -3.48 -4.89
C GLY A 246 -4.99 -3.82 -6.36
N SER A 247 -5.88 -4.67 -6.85
CA SER A 247 -5.80 -5.17 -8.22
C SER A 247 -6.23 -4.12 -9.24
N THR A 248 -5.78 -4.32 -10.48
CA THR A 248 -6.15 -3.52 -11.63
C THR A 248 -7.64 -3.68 -11.97
N GLU A 249 -8.10 -4.91 -11.92
CA GLU A 249 -9.51 -5.23 -12.15
C GLU A 249 -10.45 -4.40 -11.26
N VAL A 250 -10.20 -4.41 -9.96
CA VAL A 250 -11.03 -3.71 -8.99
C VAL A 250 -10.88 -2.20 -9.17
N GLY A 251 -9.68 -1.77 -9.50
CA GLY A 251 -9.42 -0.36 -9.80
C GLY A 251 -10.35 0.11 -10.88
N LYS A 252 -10.46 -0.67 -11.95
CA LYS A 252 -11.42 -0.39 -13.02
C LYS A 252 -12.86 -0.36 -12.48
N LEU A 253 -13.23 -1.38 -11.71
CA LEU A 253 -14.57 -1.42 -11.13
C LEU A 253 -14.83 -0.16 -10.30
N ILE A 254 -13.84 0.30 -9.55
CA ILE A 254 -14.04 1.46 -8.67
C ILE A 254 -14.31 2.71 -9.53
N LYS A 255 -13.46 2.94 -10.53
CA LYS A 255 -13.60 4.13 -11.36
C LYS A 255 -14.92 4.16 -12.09
N GLU A 256 -15.32 3.02 -12.62
CA GLU A 256 -16.60 2.90 -13.28
C GLU A 256 -17.75 3.25 -12.30
N ALA A 257 -17.71 2.64 -11.11
CA ALA A 257 -18.71 2.88 -10.07
C ALA A 257 -18.80 4.34 -9.69
N ALA A 258 -17.64 4.97 -9.52
CA ALA A 258 -17.54 6.39 -9.19
C ALA A 258 -18.13 7.25 -10.28
N GLY A 259 -17.82 6.91 -11.53
CA GLY A 259 -18.30 7.69 -12.67
C GLY A 259 -19.82 7.60 -12.82
N LYS A 260 -20.35 6.40 -12.60
CA LYS A 260 -21.79 6.15 -12.67
C LYS A 260 -22.62 6.76 -11.53
N SER A 261 -22.01 7.03 -10.38
CA SER A 261 -22.77 7.40 -9.19
C SER A 261 -22.75 8.91 -9.00
N ASN A 262 -21.71 9.43 -8.35
CA ASN A 262 -21.62 10.86 -8.02
C ASN A 262 -20.30 11.52 -8.43
N LEU A 263 -19.60 10.90 -9.37
CA LEU A 263 -18.33 11.41 -9.90
C LEU A 263 -17.34 11.71 -8.80
N LYS A 264 -17.37 10.92 -7.76
CA LYS A 264 -16.42 11.10 -6.68
C LYS A 264 -14.97 11.10 -7.15
N ARG A 265 -14.12 11.84 -6.46
CA ARG A 265 -12.69 11.76 -6.74
C ARG A 265 -12.16 10.34 -6.50
N VAL A 266 -11.25 9.89 -7.35
CA VAL A 266 -10.65 8.57 -7.21
C VAL A 266 -9.13 8.61 -7.30
N THR A 267 -8.47 7.90 -6.40
CA THR A 267 -7.02 7.69 -6.51
C THR A 267 -6.75 6.23 -6.25
N LEU A 268 -5.89 5.65 -7.08
CA LEU A 268 -5.71 4.21 -7.19
C LEU A 268 -4.23 3.88 -7.13
N GLU A 269 -3.88 2.81 -6.41
CA GLU A 269 -2.57 2.22 -6.56
C GLU A 269 -2.77 0.73 -6.85
N LEU A 270 -2.19 0.31 -7.96
CA LEU A 270 -2.57 -0.94 -8.57
C LEU A 270 -1.32 -1.80 -8.75
N GLY A 271 -1.28 -2.71 -9.69
CA GLY A 271 -0.03 -3.46 -9.81
C GLY A 271 1.24 -2.68 -10.17
N GLY A 272 2.32 -3.42 -10.27
CA GLY A 272 3.47 -3.01 -11.06
C GLY A 272 4.02 -4.23 -11.79
N LYS A 273 4.93 -3.99 -12.71
CA LYS A 273 5.81 -5.03 -13.17
C LYS A 273 7.14 -4.31 -13.26
N SER A 274 7.64 -3.92 -12.10
CA SER A 274 8.72 -2.95 -12.03
C SER A 274 10.05 -3.58 -12.50
N PRO A 275 10.73 -2.90 -13.43
CA PRO A 275 12.02 -3.36 -13.96
C PRO A 275 13.23 -2.81 -13.24
N CYS A 276 14.31 -3.59 -13.17
CA CYS A 276 15.64 -3.10 -12.86
C CYS A 276 16.51 -3.16 -14.10
N ILE A 277 17.40 -2.19 -14.26
CA ILE A 277 18.37 -2.20 -15.33
C ILE A 277 19.73 -2.19 -14.66
N VAL A 278 20.52 -3.23 -14.92
CA VAL A 278 21.83 -3.38 -14.29
C VAL A 278 22.91 -3.21 -15.38
N LEU A 279 23.68 -2.14 -15.33
CA LEU A 279 24.71 -1.91 -16.34
C LEU A 279 25.99 -2.62 -15.95
N ALA A 280 26.86 -2.82 -16.95
CA ALA A 280 28.09 -3.55 -16.78
C ALA A 280 28.93 -3.01 -15.63
N ASP A 281 28.93 -1.69 -15.46
CA ASP A 281 29.75 -1.04 -14.46
C ASP A 281 29.14 -1.03 -13.07
N ALA A 282 27.95 -1.61 -12.91
CA ALA A 282 27.27 -1.59 -11.63
C ALA A 282 28.10 -2.31 -10.58
N ASP A 283 27.94 -1.89 -9.32
CA ASP A 283 28.42 -2.67 -8.22
C ASP A 283 27.56 -3.92 -8.19
N LEU A 284 28.17 -5.06 -8.52
CA LEU A 284 27.41 -6.25 -8.86
C LEU A 284 26.72 -6.83 -7.63
N ASP A 285 27.46 -6.96 -6.54
CA ASP A 285 26.89 -7.50 -5.30
C ASP A 285 25.79 -6.62 -4.73
N ASN A 286 26.02 -5.30 -4.74
CA ASN A 286 24.99 -4.37 -4.30
C ASN A 286 23.71 -4.60 -5.13
N ALA A 287 23.86 -4.68 -6.44
CA ALA A 287 22.73 -4.81 -7.36
C ALA A 287 22.03 -6.14 -7.17
N VAL A 288 22.81 -7.21 -7.01
CA VAL A 288 22.22 -8.54 -6.77
C VAL A 288 21.42 -8.54 -5.46
N GLU A 289 21.97 -7.91 -4.42
CA GLU A 289 21.32 -7.91 -3.10
C GLU A 289 20.00 -7.09 -3.11
N PHE A 290 20.05 -5.85 -3.57
CA PHE A 290 18.83 -5.04 -3.66
C PHE A 290 17.77 -5.63 -4.58
N ALA A 291 18.18 -6.15 -5.72
CA ALA A 291 17.23 -6.74 -6.66
C ALA A 291 16.60 -8.02 -6.10
N HIS A 292 17.40 -8.82 -5.43
CA HIS A 292 16.88 -10.00 -4.78
C HIS A 292 15.81 -9.63 -3.72
N HIS A 293 16.17 -8.79 -2.76
CA HIS A 293 15.17 -8.32 -1.80
C HIS A 293 14.04 -7.58 -2.48
N GLY A 294 14.33 -6.89 -3.57
CA GLY A 294 13.31 -6.14 -4.32
C GLY A 294 12.21 -7.01 -4.84
N VAL A 295 12.52 -8.25 -5.20
CA VAL A 295 11.49 -9.16 -5.72
C VAL A 295 10.90 -10.09 -4.65
N PHE A 296 11.71 -10.54 -3.69
CA PHE A 296 11.24 -11.52 -2.70
C PHE A 296 10.61 -10.95 -1.44
N TYR A 297 10.70 -9.65 -1.22
CA TYR A 297 10.20 -9.13 0.03
C TYR A 297 8.74 -9.55 0.27
N HIS A 298 8.45 -9.89 1.53
CA HIS A 298 7.12 -10.34 1.91
C HIS A 298 6.51 -11.35 0.93
N GLN A 299 7.27 -12.39 0.61
CA GLN A 299 6.81 -13.43 -0.29
C GLN A 299 6.37 -12.91 -1.69
N GLY A 300 7.04 -11.83 -2.15
CA GLY A 300 6.72 -11.21 -3.43
C GLY A 300 5.41 -10.45 -3.47
N GLN A 301 4.83 -10.15 -2.30
CA GLN A 301 3.47 -9.63 -2.23
C GLN A 301 3.54 -8.11 -2.04
N CYS A 302 4.32 -7.50 -2.93
CA CYS A 302 4.62 -6.10 -2.87
C CYS A 302 4.30 -5.50 -4.24
N CYS A 303 3.59 -4.38 -4.22
CA CYS A 303 3.23 -3.68 -5.42
C CYS A 303 4.47 -3.30 -6.23
N ILE A 304 5.56 -2.99 -5.53
CA ILE A 304 6.80 -2.60 -6.18
C ILE A 304 7.76 -3.74 -6.49
N ALA A 305 7.31 -4.99 -6.42
CA ALA A 305 8.19 -6.14 -6.64
C ALA A 305 9.00 -6.00 -7.94
N ALA A 306 10.32 -6.19 -7.84
CA ALA A 306 11.26 -5.98 -8.94
C ALA A 306 11.26 -7.22 -9.84
N SER A 307 10.20 -7.34 -10.63
CA SER A 307 9.80 -8.57 -11.24
C SER A 307 10.30 -8.72 -12.69
N ARG A 308 11.13 -7.79 -13.13
CA ARG A 308 11.84 -7.91 -14.40
C ARG A 308 13.24 -7.34 -14.21
N ILE A 309 14.26 -8.18 -14.23
CA ILE A 309 15.61 -7.69 -13.97
C ILE A 309 16.49 -7.85 -15.20
N PHE A 310 16.78 -6.73 -15.85
CA PHE A 310 17.59 -6.66 -17.09
C PHE A 310 19.04 -6.43 -16.76
N VAL A 311 19.90 -7.35 -17.16
CA VAL A 311 21.30 -7.29 -16.80
C VAL A 311 22.14 -7.29 -18.07
N GLU A 312 23.14 -6.41 -18.16
CA GLU A 312 23.98 -6.33 -19.34
C GLU A 312 24.66 -7.70 -19.56
N GLU A 313 24.65 -8.19 -20.80
CA GLU A 313 25.18 -9.51 -21.16
C GLU A 313 26.51 -9.88 -20.50
N SER A 314 27.49 -8.98 -20.51
CA SER A 314 28.82 -9.32 -20.02
C SER A 314 28.83 -9.68 -18.53
N ILE A 315 27.83 -9.25 -17.75
CA ILE A 315 27.73 -9.63 -16.34
C ILE A 315 26.49 -10.48 -16.02
N TYR A 316 25.83 -10.99 -17.05
CA TYR A 316 24.51 -11.61 -16.89
C TYR A 316 24.59 -12.95 -16.17
N ASP A 317 25.50 -13.80 -16.63
CA ASP A 317 25.69 -15.14 -16.05
C ASP A 317 26.13 -15.07 -14.59
N GLU A 318 27.06 -14.16 -14.30
CA GLU A 318 27.49 -13.90 -12.93
C GLU A 318 26.33 -13.43 -12.07
N PHE A 319 25.59 -12.44 -12.56
CA PHE A 319 24.41 -11.91 -11.85
C PHE A 319 23.41 -13.01 -11.52
N VAL A 320 23.11 -13.85 -12.52
CA VAL A 320 22.17 -14.94 -12.34
C VAL A 320 22.71 -15.95 -11.32
N ARG A 321 23.99 -16.28 -11.42
CA ARG A 321 24.58 -17.25 -10.52
C ARG A 321 24.42 -16.79 -9.06
N ARG A 322 24.80 -15.55 -8.77
CA ARG A 322 24.76 -15.05 -7.40
C ARG A 322 23.34 -14.83 -6.89
N SER A 323 22.41 -14.60 -7.81
CA SER A 323 21.01 -14.42 -7.44
C SER A 323 20.43 -15.76 -6.99
N VAL A 324 20.79 -16.82 -7.71
CA VAL A 324 20.40 -18.18 -7.35
C VAL A 324 20.97 -18.55 -5.97
N GLU A 325 22.27 -18.38 -5.78
CA GLU A 325 22.88 -18.58 -4.47
C GLU A 325 22.03 -17.90 -3.39
N ARG A 326 21.77 -16.60 -3.56
CA ARG A 326 21.08 -15.83 -2.52
C ARG A 326 19.70 -16.42 -2.22
N ALA A 327 19.02 -16.87 -3.28
CA ALA A 327 17.65 -17.41 -3.17
C ALA A 327 17.54 -18.82 -2.58
N LYS A 328 18.62 -19.58 -2.64
CA LYS A 328 18.58 -20.94 -2.12
C LYS A 328 18.75 -20.95 -0.59
N LYS A 329 18.88 -19.78 0.03
CA LYS A 329 19.19 -19.66 1.47
C LYS A 329 18.01 -19.45 2.42
N TYR A 330 16.77 -19.51 1.93
CA TYR A 330 15.63 -19.19 2.78
C TYR A 330 15.17 -20.35 3.66
N ILE A 331 14.55 -20.00 4.79
CA ILE A 331 13.90 -20.97 5.66
C ILE A 331 12.42 -20.66 5.68
N LEU A 332 11.61 -21.64 5.27
CA LEU A 332 10.16 -21.46 5.22
C LEU A 332 9.57 -21.92 6.53
N GLY A 333 8.43 -21.35 6.89
CA GLY A 333 7.74 -21.78 8.08
C GLY A 333 6.85 -20.70 8.66
N ASN A 334 6.48 -20.89 9.92
CA ASN A 334 5.60 -19.95 10.59
C ASN A 334 6.29 -18.61 10.82
N PRO A 335 5.67 -17.52 10.36
CA PRO A 335 6.38 -16.24 10.44
C PRO A 335 6.63 -15.74 11.89
N LEU A 336 5.98 -16.37 12.87
CA LEU A 336 6.24 -16.03 14.27
C LEU A 336 7.53 -16.65 14.83
N THR A 337 8.05 -17.71 14.22
CA THR A 337 9.22 -18.39 14.80
C THR A 337 10.53 -17.71 14.39
N PRO A 338 11.34 -17.27 15.39
CA PRO A 338 12.61 -16.60 15.03
C PRO A 338 13.42 -17.50 14.08
N GLY A 339 14.21 -16.90 13.20
CA GLY A 339 14.98 -17.67 12.21
C GLY A 339 14.28 -17.92 10.88
N VAL A 340 12.94 -18.01 10.91
CA VAL A 340 12.15 -18.17 9.70
C VAL A 340 12.23 -16.93 8.85
N THR A 341 12.57 -17.13 7.58
CA THR A 341 12.87 -16.05 6.64
C THR A 341 11.93 -16.02 5.44
N GLN A 342 10.96 -16.93 5.36
CA GLN A 342 9.88 -16.82 4.39
C GLN A 342 8.58 -17.46 4.89
N GLY A 343 7.56 -16.61 5.08
CA GLY A 343 6.20 -17.04 5.42
C GLY A 343 5.40 -17.54 4.23
N PRO A 344 4.11 -17.80 4.43
CA PRO A 344 3.25 -18.25 3.36
C PRO A 344 2.66 -17.09 2.55
N GLN A 345 1.98 -17.42 1.46
CA GLN A 345 1.17 -16.48 0.72
C GLN A 345 -0.13 -16.26 1.49
N ILE A 346 -0.80 -15.17 1.19
CA ILE A 346 -1.97 -14.76 1.96
C ILE A 346 -3.11 -15.78 1.92
N ASP A 347 -3.36 -16.41 0.77
CA ASP A 347 -4.53 -17.29 0.62
C ASP A 347 -4.54 -18.15 -0.64
N LYS A 348 -5.58 -18.96 -0.78
CA LYS A 348 -5.65 -19.96 -1.85
C LYS A 348 -5.53 -19.29 -3.20
N GLU A 349 -6.36 -18.28 -3.42
CA GLU A 349 -6.41 -17.63 -4.73
C GLU A 349 -5.04 -17.13 -5.17
N GLN A 350 -4.35 -16.43 -4.28
CA GLN A 350 -3.00 -15.99 -4.59
C GLN A 350 -2.07 -17.14 -4.84
N TYR A 351 -2.16 -18.17 -4.01
CA TYR A 351 -1.35 -19.37 -4.18
C TYR A 351 -1.60 -19.98 -5.54
N ASP A 352 -2.87 -20.10 -5.93
CA ASP A 352 -3.21 -20.75 -7.19
C ASP A 352 -2.65 -19.96 -8.38
N LYS A 353 -2.74 -18.65 -8.29
CA LYS A 353 -2.28 -17.75 -9.33
C LYS A 353 -0.75 -17.85 -9.55
N ILE A 354 -0.01 -17.90 -8.45
CA ILE A 354 1.46 -18.01 -8.46
C ILE A 354 1.94 -19.32 -9.11
N LEU A 355 1.33 -20.43 -8.69
CA LEU A 355 1.67 -21.74 -9.22
C LEU A 355 1.31 -21.85 -10.71
N ASP A 356 0.14 -21.33 -11.06
CA ASP A 356 -0.26 -21.28 -12.47
C ASP A 356 0.79 -20.52 -13.27
N LEU A 357 1.18 -19.36 -12.79
CA LEU A 357 2.17 -18.56 -13.50
C LEU A 357 3.55 -19.23 -13.57
N ILE A 358 3.98 -19.85 -12.47
CA ILE A 358 5.19 -20.66 -12.51
C ILE A 358 5.07 -21.71 -13.61
N GLU A 359 3.94 -22.40 -13.67
CA GLU A 359 3.75 -23.41 -14.70
C GLU A 359 3.82 -22.80 -16.09
N SER A 360 3.27 -21.60 -16.26
CA SER A 360 3.38 -20.91 -17.56
C SER A 360 4.84 -20.68 -17.96
N GLY A 361 5.66 -20.30 -16.99
CA GLY A 361 7.08 -20.06 -17.20
C GLY A 361 7.83 -21.28 -17.71
N LYS A 362 7.50 -22.43 -17.13
CA LYS A 362 8.11 -23.68 -17.59
C LYS A 362 7.65 -24.04 -19.02
N LYS A 363 6.35 -24.00 -19.24
CA LYS A 363 5.79 -24.34 -20.54
C LYS A 363 6.27 -23.37 -21.63
N GLU A 364 6.44 -22.10 -21.29
CA GLU A 364 6.83 -21.12 -22.28
C GLU A 364 8.35 -21.09 -22.57
N GLY A 365 9.11 -21.95 -21.89
CA GLY A 365 10.49 -22.15 -22.23
C GLY A 365 11.45 -21.22 -21.51
N ALA A 366 11.07 -20.72 -20.35
CA ALA A 366 12.01 -20.00 -19.48
C ALA A 366 12.89 -20.99 -18.73
N LYS A 367 14.07 -20.58 -18.28
CA LYS A 367 14.99 -21.51 -17.61
C LYS A 367 14.85 -21.48 -16.08
N LEU A 368 14.50 -22.63 -15.50
CA LEU A 368 14.25 -22.73 -14.07
C LEU A 368 15.55 -22.95 -13.32
N GLU A 369 15.91 -22.02 -12.45
CA GLU A 369 17.16 -22.13 -11.73
C GLU A 369 16.94 -22.78 -10.37
N CYS A 370 15.79 -22.54 -9.76
CA CYS A 370 15.43 -23.20 -8.52
C CYS A 370 13.96 -23.00 -8.21
N GLY A 371 13.47 -23.73 -7.22
CA GLY A 371 12.06 -23.67 -6.82
C GLY A 371 11.12 -24.30 -7.85
N GLY A 372 10.00 -23.65 -8.13
CA GLY A 372 9.08 -24.12 -9.16
C GLY A 372 7.86 -24.87 -8.64
N GLY A 373 7.72 -24.96 -7.32
CA GLY A 373 6.64 -25.73 -6.73
C GLY A 373 6.26 -25.28 -5.33
N PRO A 374 5.21 -25.89 -4.78
CA PRO A 374 4.71 -25.53 -3.45
C PRO A 374 5.58 -26.18 -2.39
N TRP A 375 5.29 -25.88 -1.12
CA TRP A 375 6.04 -26.46 0.01
C TRP A 375 5.14 -26.70 1.22
N GLY A 376 5.34 -27.85 1.87
CA GLY A 376 4.71 -28.11 3.17
C GLY A 376 3.39 -28.84 3.07
N ASN A 377 2.83 -29.17 4.24
CA ASN A 377 1.56 -29.90 4.34
C ASN A 377 0.40 -29.00 4.68
N LYS A 378 0.73 -27.76 5.04
CA LYS A 378 -0.23 -26.80 5.55
C LYS A 378 0.33 -25.41 5.30
N GLY A 379 -0.55 -24.45 5.10
CA GLY A 379 -0.16 -23.12 4.73
C GLY A 379 0.03 -23.03 3.22
N TYR A 380 -0.06 -21.79 2.73
CA TYR A 380 0.03 -21.48 1.30
C TYR A 380 1.47 -21.08 0.97
N PHE A 381 2.40 -22.00 1.22
CA PHE A 381 3.82 -21.79 0.91
C PHE A 381 4.17 -22.18 -0.54
N VAL A 382 5.01 -21.35 -1.15
CA VAL A 382 5.53 -21.54 -2.50
C VAL A 382 7.04 -21.41 -2.37
N GLN A 383 7.78 -22.34 -2.98
CA GLN A 383 9.24 -22.26 -2.95
C GLN A 383 9.71 -20.99 -3.64
N PRO A 384 10.76 -20.36 -3.09
CA PRO A 384 11.29 -19.20 -3.78
C PRO A 384 11.84 -19.64 -5.12
N THR A 385 11.42 -18.99 -6.19
CA THR A 385 11.65 -19.49 -7.54
C THR A 385 12.37 -18.47 -8.40
N VAL A 386 13.38 -18.93 -9.13
CA VAL A 386 14.12 -18.07 -10.06
C VAL A 386 14.08 -18.58 -11.51
N PHE A 387 13.73 -17.69 -12.43
CA PHE A 387 13.81 -17.95 -13.87
C PHE A 387 14.84 -17.05 -14.54
N SER A 388 15.69 -17.66 -15.36
CA SER A 388 16.60 -16.95 -16.26
C SER A 388 16.18 -17.22 -17.71
N ASN A 389 16.84 -16.54 -18.65
CA ASN A 389 16.44 -16.55 -20.08
C ASN A 389 14.96 -16.23 -20.34
N VAL A 390 14.40 -15.33 -19.54
CA VAL A 390 13.01 -14.93 -19.71
C VAL A 390 12.94 -13.91 -20.85
N THR A 391 11.92 -14.03 -21.70
CA THR A 391 11.70 -13.08 -22.80
C THR A 391 10.44 -12.31 -22.55
N ASP A 392 10.28 -11.21 -23.30
CA ASP A 392 9.27 -10.20 -23.00
C ASP A 392 7.84 -10.64 -23.31
N GLU A 393 7.69 -11.68 -24.12
CA GLU A 393 6.36 -12.19 -24.46
C GLU A 393 5.82 -13.25 -23.47
N MET A 394 6.64 -13.68 -22.51
CA MET A 394 6.22 -14.69 -21.57
C MET A 394 5.26 -14.11 -20.53
N ARG A 395 4.29 -14.91 -20.11
CA ARG A 395 3.37 -14.49 -19.07
C ARG A 395 4.11 -13.98 -17.84
N ILE A 396 5.17 -14.66 -17.45
CA ILE A 396 5.92 -14.27 -16.25
C ILE A 396 6.68 -12.95 -16.39
N ALA A 397 6.89 -12.52 -17.63
CA ALA A 397 7.45 -11.19 -17.93
C ALA A 397 6.37 -10.08 -18.00
N LYS A 398 5.14 -10.45 -18.31
CA LYS A 398 4.08 -9.48 -18.55
C LYS A 398 3.18 -9.27 -17.33
N GLU A 399 2.85 -10.34 -16.63
CA GLU A 399 1.82 -10.26 -15.56
C GLU A 399 2.41 -10.15 -14.17
N GLU A 400 1.78 -9.35 -13.32
CA GLU A 400 2.20 -9.28 -11.92
C GLU A 400 1.96 -10.63 -11.27
N ILE A 401 3.01 -11.23 -10.72
CA ILE A 401 2.89 -12.56 -10.10
C ILE A 401 2.43 -12.49 -8.65
N PHE A 402 2.99 -11.55 -7.89
CA PHE A 402 2.68 -11.36 -6.47
C PHE A 402 3.04 -12.59 -5.61
N GLY A 403 4.09 -13.28 -6.04
CA GLY A 403 4.60 -14.50 -5.39
C GLY A 403 6.11 -14.43 -5.43
N PRO A 404 6.82 -15.36 -4.75
CA PRO A 404 8.27 -15.36 -4.70
C PRO A 404 8.89 -15.93 -5.97
N VAL A 405 8.79 -15.16 -7.03
CA VAL A 405 9.21 -15.61 -8.36
C VAL A 405 9.99 -14.51 -9.08
N GLN A 406 11.28 -14.74 -9.32
CA GLN A 406 12.15 -13.72 -9.89
C GLN A 406 12.49 -14.04 -11.35
N GLN A 407 12.41 -13.01 -12.18
CA GLN A 407 12.71 -13.05 -13.62
C GLN A 407 14.01 -12.34 -13.94
N ILE A 408 14.96 -13.05 -14.54
CA ILE A 408 16.21 -12.42 -14.94
C ILE A 408 16.39 -12.61 -16.45
N MET A 409 16.95 -11.57 -17.07
CA MET A 409 16.83 -11.33 -18.52
C MET A 409 18.02 -10.50 -18.92
N LYS A 410 18.54 -10.73 -20.11
CA LYS A 410 19.77 -10.08 -20.53
C LYS A 410 19.49 -9.05 -21.59
N PHE A 411 20.35 -8.05 -21.68
CA PHE A 411 20.31 -7.07 -22.75
C PHE A 411 21.73 -6.74 -23.13
N LYS A 412 21.90 -6.23 -24.34
CA LYS A 412 23.18 -5.70 -24.76
C LYS A 412 23.07 -4.25 -25.25
N SER A 413 21.88 -3.78 -25.59
CA SER A 413 21.70 -2.43 -26.10
C SER A 413 20.90 -1.56 -25.14
N LEU A 414 21.54 -0.50 -24.63
CA LEU A 414 20.92 0.39 -23.66
C LEU A 414 19.62 1.07 -24.16
N ASP A 415 19.60 1.56 -25.38
CA ASP A 415 18.38 2.11 -26.00
C ASP A 415 17.27 1.08 -25.92
N ASP A 416 17.60 -0.14 -26.37
CA ASP A 416 16.64 -1.24 -26.47
C ASP A 416 16.03 -1.62 -25.09
N VAL A 417 16.84 -1.64 -24.04
CA VAL A 417 16.39 -2.08 -22.74
C VAL A 417 15.50 -1.01 -22.07
N ILE A 418 15.79 0.25 -22.31
CA ILE A 418 14.88 1.31 -21.83
C ILE A 418 13.48 1.11 -22.43
N LYS A 419 13.38 0.89 -23.75
CA LYS A 419 12.09 0.60 -24.41
C LYS A 419 11.42 -0.67 -23.91
N ARG A 420 12.19 -1.74 -23.70
CA ARG A 420 11.61 -2.95 -23.15
C ARG A 420 11.12 -2.68 -21.73
N ALA A 421 11.86 -1.88 -20.98
CA ALA A 421 11.51 -1.63 -19.59
C ALA A 421 10.20 -0.83 -19.51
N ASN A 422 9.98 0.00 -20.52
CA ASN A 422 8.80 0.83 -20.63
C ASN A 422 7.65 0.18 -21.40
N ASN A 423 7.91 -0.94 -22.04
CA ASN A 423 6.91 -1.60 -22.84
C ASN A 423 6.04 -2.42 -21.92
N THR A 424 5.17 -1.72 -21.19
CA THR A 424 4.29 -2.32 -20.17
C THR A 424 3.25 -1.26 -19.88
N PHE A 425 2.04 -1.68 -19.58
CA PHE A 425 1.00 -0.74 -19.15
C PHE A 425 1.16 -0.34 -17.69
N TYR A 426 1.97 -1.10 -16.93
CA TYR A 426 2.31 -0.71 -15.56
C TYR A 426 3.37 0.40 -15.58
N GLY A 427 3.65 0.97 -14.42
CA GLY A 427 4.71 1.95 -14.27
C GLY A 427 4.86 2.45 -12.84
N LEU A 428 5.00 1.55 -11.87
CA LEU A 428 4.95 1.96 -10.46
C LEU A 428 6.31 2.39 -9.98
N SER A 429 7.35 1.66 -10.39
CA SER A 429 8.70 1.95 -9.96
C SER A 429 9.73 1.28 -10.85
N ALA A 430 11.00 1.62 -10.66
CA ALA A 430 12.08 0.97 -11.36
C ALA A 430 13.39 1.14 -10.59
N GLY A 431 14.41 0.39 -11.00
CA GLY A 431 15.72 0.47 -10.37
C GLY A 431 16.78 0.59 -11.43
N VAL A 432 17.76 1.44 -11.19
CA VAL A 432 18.89 1.63 -12.11
C VAL A 432 20.17 1.37 -11.33
N PHE A 433 21.04 0.51 -11.83
CA PHE A 433 22.31 0.19 -11.15
C PHE A 433 23.51 0.49 -12.06
N THR A 434 24.32 1.46 -11.64
CA THR A 434 25.43 1.97 -12.42
C THR A 434 26.33 2.88 -11.56
N LYS A 435 27.60 3.02 -11.95
CA LYS A 435 28.48 4.02 -11.35
C LYS A 435 28.61 5.29 -12.20
N ASP A 436 27.90 5.35 -13.33
CA ASP A 436 28.01 6.47 -14.26
C ASP A 436 26.94 7.49 -13.93
N ILE A 437 27.38 8.69 -13.60
CA ILE A 437 26.50 9.79 -13.23
C ILE A 437 25.51 10.09 -14.33
N ASP A 438 26.03 10.27 -15.54
CA ASP A 438 25.19 10.65 -16.65
C ASP A 438 24.14 9.58 -16.92
N LYS A 439 24.53 8.32 -16.85
CA LYS A 439 23.58 7.24 -17.08
C LYS A 439 22.53 7.21 -15.96
N ALA A 440 22.95 7.39 -14.72
CA ALA A 440 21.99 7.41 -13.60
C ALA A 440 20.91 8.46 -13.85
N ILE A 441 21.32 9.67 -14.16
CA ILE A 441 20.39 10.78 -14.38
C ILE A 441 19.54 10.55 -15.63
N THR A 442 20.16 10.24 -16.77
CA THR A 442 19.42 10.12 -18.03
C THR A 442 18.51 8.91 -18.06
N ILE A 443 18.99 7.78 -17.53
CA ILE A 443 18.12 6.61 -17.51
C ILE A 443 16.91 6.85 -16.61
N SER A 444 17.15 7.38 -15.42
CA SER A 444 16.04 7.56 -14.48
C SER A 444 15.00 8.53 -15.04
N SER A 445 15.44 9.57 -15.71
CA SER A 445 14.52 10.48 -16.41
C SER A 445 13.65 9.76 -17.44
N ALA A 446 14.21 8.76 -18.12
CA ALA A 446 13.56 8.14 -19.28
C ALA A 446 12.64 6.99 -18.93
N LEU A 447 12.78 6.44 -17.73
CA LEU A 447 11.88 5.37 -17.29
C LEU A 447 10.51 5.97 -16.90
N GLN A 448 9.45 5.38 -17.41
CA GLN A 448 8.11 5.82 -17.11
C GLN A 448 7.64 5.12 -15.84
N ALA A 449 8.09 5.61 -14.70
CA ALA A 449 7.78 4.98 -13.40
C ALA A 449 7.78 5.99 -12.27
N GLY A 450 6.89 5.81 -11.32
CA GLY A 450 6.70 6.81 -10.29
C GLY A 450 7.84 6.96 -9.32
N THR A 451 8.49 5.86 -9.01
CA THR A 451 9.69 5.95 -8.22
C THR A 451 10.81 5.25 -8.97
N VAL A 452 11.96 5.90 -9.10
CA VAL A 452 13.13 5.26 -9.64
C VAL A 452 14.22 5.28 -8.59
N TRP A 453 14.67 4.09 -8.18
CA TRP A 453 15.81 3.98 -7.28
C TRP A 453 17.12 3.82 -8.07
N VAL A 454 18.19 4.45 -7.58
CA VAL A 454 19.49 4.32 -8.23
C VAL A 454 20.45 3.67 -7.25
N ASN A 455 20.94 2.50 -7.63
CA ASN A 455 21.86 1.72 -6.79
C ASN A 455 21.24 1.27 -5.46
N CYS A 456 19.91 1.22 -5.45
CA CYS A 456 19.15 0.68 -4.34
C CYS A 456 17.77 0.27 -4.88
N TYR A 457 16.86 -0.13 -3.99
CA TYR A 457 15.55 -0.61 -4.38
C TYR A 457 14.65 -0.75 -3.17
N GLY A 458 13.37 -0.43 -3.35
CA GLY A 458 12.39 -0.57 -2.28
C GLY A 458 12.61 0.40 -1.16
N VAL A 459 13.23 1.54 -1.45
CA VAL A 459 13.39 2.58 -0.44
C VAL A 459 12.18 3.52 -0.42
N VAL A 460 11.40 3.40 0.64
CA VAL A 460 10.14 4.10 0.71
C VAL A 460 10.08 4.80 2.03
N SER A 461 9.75 6.09 2.01
CA SER A 461 9.69 6.85 3.24
C SER A 461 8.51 7.85 3.18
N ALA A 462 8.13 8.29 4.37
CA ALA A 462 7.04 9.19 4.57
C ALA A 462 7.25 10.54 3.87
N GLN A 463 8.51 10.95 3.72
CA GLN A 463 8.81 12.25 3.16
C GLN A 463 8.67 12.31 1.63
N CYS A 464 8.52 11.16 0.98
CA CYS A 464 8.48 11.05 -0.50
C CYS A 464 7.11 10.69 -1.03
N PRO A 465 6.66 11.35 -2.09
CA PRO A 465 5.42 10.88 -2.71
C PRO A 465 5.62 9.55 -3.44
N PHE A 466 4.54 8.77 -3.48
CA PHE A 466 4.55 7.43 -4.01
C PHE A 466 3.27 7.15 -4.80
N GLY A 467 3.45 6.68 -6.03
CA GLY A 467 2.36 6.40 -6.94
C GLY A 467 2.84 6.02 -8.33
N GLY A 468 1.91 5.50 -9.11
CA GLY A 468 2.21 4.99 -10.42
C GLY A 468 2.08 5.94 -11.59
N PHE A 469 2.83 5.60 -12.62
CA PHE A 469 2.59 6.09 -13.96
C PHE A 469 1.62 5.07 -14.56
N LYS A 470 0.91 5.49 -15.61
CA LYS A 470 0.10 4.60 -16.44
C LYS A 470 -0.87 3.78 -15.58
N MET A 471 -1.11 2.53 -15.94
CA MET A 471 -2.10 1.71 -15.26
C MET A 471 -1.62 1.20 -13.91
N SER A 472 -0.48 1.69 -13.40
CA SER A 472 -0.15 1.41 -12.01
C SER A 472 -0.88 2.35 -11.05
N GLY A 473 -1.71 3.23 -11.61
CA GLY A 473 -2.56 4.11 -10.80
C GLY A 473 -2.38 5.59 -11.06
N ASN A 474 -3.03 6.37 -10.21
CA ASN A 474 -3.07 7.79 -10.40
C ASN A 474 -3.06 8.43 -9.04
N GLY A 475 -2.47 9.61 -8.95
CA GLY A 475 -2.32 10.32 -7.70
C GLY A 475 -1.05 9.89 -6.98
N ARG A 476 -0.66 10.68 -6.00
CA ARG A 476 0.49 10.35 -5.16
C ARG A 476 0.07 10.29 -3.70
N GLU A 477 0.68 9.39 -2.96
CA GLU A 477 0.46 9.28 -1.55
C GLU A 477 1.70 9.75 -0.82
N LEU A 478 1.51 10.42 0.31
CA LEU A 478 2.60 10.84 1.18
C LEU A 478 3.44 11.96 0.59
N GLY A 479 4.41 12.45 1.36
CA GLY A 479 5.20 13.57 0.90
C GLY A 479 4.33 14.81 0.95
N GLU A 480 4.96 15.96 0.76
CA GLU A 480 4.22 17.19 0.55
C GLU A 480 3.16 16.96 -0.54
N TYR A 481 3.58 16.35 -1.65
CA TYR A 481 2.71 16.28 -2.82
C TYR A 481 1.45 15.45 -2.59
N GLY A 482 1.55 14.42 -1.77
CA GLY A 482 0.44 13.53 -1.56
C GLY A 482 -0.69 14.21 -0.81
N PHE A 483 -0.33 15.16 0.03
CA PHE A 483 -1.33 15.86 0.81
C PHE A 483 -2.33 16.61 -0.08
N HIS A 484 -1.91 17.03 -1.28
CA HIS A 484 -2.80 17.68 -2.21
C HIS A 484 -4.08 16.88 -2.51
N GLU A 485 -3.94 15.58 -2.69
CA GLU A 485 -5.06 14.70 -3.05
C GLU A 485 -6.11 14.56 -1.95
N TYR A 486 -5.86 15.14 -0.76
CA TYR A 486 -6.84 15.14 0.34
C TYR A 486 -7.32 16.54 0.70
N THR A 487 -7.15 17.48 -0.21
CA THR A 487 -7.74 18.80 -0.06
C THR A 487 -8.58 19.18 -1.28
N GLU A 488 -9.52 20.07 -1.06
CA GLU A 488 -10.33 20.64 -2.11
C GLU A 488 -10.08 22.14 -2.06
N VAL A 489 -9.64 22.72 -3.17
CA VAL A 489 -9.32 24.13 -3.21
C VAL A 489 -10.56 24.97 -3.53
N LYS A 490 -10.76 26.00 -2.73
CA LYS A 490 -11.83 26.92 -2.89
C LYS A 490 -11.17 28.25 -3.04
N THR A 491 -11.57 28.97 -4.07
CA THR A 491 -11.09 30.31 -4.34
C THR A 491 -12.11 31.28 -3.79
N VAL A 492 -11.66 32.24 -2.98
CA VAL A 492 -12.55 33.28 -2.48
C VAL A 492 -12.07 34.61 -3.00
N THR A 493 -12.95 35.35 -3.67
CA THR A 493 -12.58 36.58 -4.35
C THR A 493 -13.53 37.70 -3.89
N VAL A 494 -12.96 38.75 -3.32
CA VAL A 494 -13.76 39.78 -2.67
C VAL A 494 -13.54 41.10 -3.37
N LYS A 495 -14.63 41.78 -3.71
CA LYS A 495 -14.56 43.10 -4.34
C LYS A 495 -14.05 44.10 -3.33
N ILE A 496 -13.06 44.90 -3.72
CA ILE A 496 -12.57 45.94 -2.87
C ILE A 496 -12.54 47.22 -3.69
N SER A 497 -12.43 48.36 -3.02
CA SER A 497 -12.47 49.66 -3.71
C SER A 497 -11.19 49.91 -4.51
N GLN A 498 -10.05 49.61 -3.90
CA GLN A 498 -8.79 49.77 -4.56
C GLN A 498 -7.81 48.77 -3.97
N LYS A 499 -7.13 48.00 -4.85
CA LYS A 499 -6.08 47.10 -4.40
C LYS A 499 -4.72 47.79 -4.46
N ASN A 500 -3.81 47.37 -3.58
CA ASN A 500 -2.43 47.77 -3.68
C ASN A 500 -1.54 46.55 -3.53
N SER A 501 -0.42 46.54 -4.23
CA SER A 501 0.51 45.43 -4.22
C SER A 501 1.08 45.14 -2.84
YB YB B . -3.15 -28.16 1.04
YB YB C . -10.16 -9.92 -6.24
N2 A5Y D . 6.62 -1.37 0.97
C7 A5Y D . 9.64 -3.52 -0.20
C6 A5Y D . 8.66 -2.68 0.40
C5 A5Y D . 9.24 -2.18 1.66
C3 A5Y D . 7.30 -0.94 2.16
C1 A5Y D . 7.29 -2.23 0.06
C21 A5Y D . 7.79 4.19 6.07
C20 A5Y D . 6.55 3.57 5.99
C19 A5Y D . 6.46 2.25 5.58
C18 A5Y D . 7.59 1.52 5.25
C17 A5Y D . 7.42 0.09 4.80
C15 A5Y D . 5.32 0.15 -0.33
N4 A5Y D . 8.56 -1.35 2.48
C10 A5Y D . 5.35 -0.93 0.57
C14 A5Y D . 4.11 0.64 -0.81
C13 A5Y D . 2.92 0.05 -0.42
C12 A5Y D . 2.94 -1.03 0.47
C11 A5Y D . 4.16 -1.51 0.95
O25 A5Y D . 6.70 -2.60 -0.99
N8 A5Y D . 10.71 -3.52 0.62
C26 A5Y D . 12.01 -4.23 0.52
C28 A5Y D . 12.39 -4.61 -0.90
O29 A5Y D . 13.54 -3.76 -0.81
C27 A5Y D . 13.26 -3.36 0.54
N9 A5Y D . 10.49 -2.72 1.77
S16 A5Y D . 6.52 0.10 3.25
C23 A5Y D . 8.85 2.14 5.32
C22 A5Y D . 8.94 3.48 5.73
F24 A5Y D . 5.43 4.20 6.30
PA NAI E . -8.34 -7.02 -4.75
O1A NAI E . -8.16 -5.80 -5.59
O2A NAI E . -9.29 -8.10 -5.26
O5B NAI E . -8.59 -6.64 -3.20
C5B NAI E . -8.03 -5.48 -2.56
C4B NAI E . -9.15 -4.73 -1.83
O4B NAI E . -10.16 -4.42 -2.81
C3B NAI E . -9.80 -5.57 -0.73
O3B NAI E . -10.29 -4.80 0.37
C2B NAI E . -11.00 -6.15 -1.42
O2B NAI E . -12.04 -6.47 -0.50
C1B NAI E . -11.37 -4.97 -2.32
N9A NAI E . -12.33 -5.34 -3.36
C8A NAI E . -12.50 -6.55 -3.93
N7A NAI E . -13.55 -6.53 -4.81
C5A NAI E . -14.06 -5.28 -4.78
C6A NAI E . -15.15 -4.56 -5.45
N6A NAI E . -15.92 -5.20 -6.35
N1A NAI E . -15.36 -3.26 -5.15
C2A NAI E . -14.58 -2.61 -4.26
N3A NAI E . -13.58 -3.21 -3.60
C4A NAI E . -13.27 -4.51 -3.81
O3 NAI E . -6.92 -7.82 -4.57
PN NAI E . -6.95 -9.48 -4.59
O1N NAI E . -8.08 -9.96 -5.43
O2N NAI E . -6.82 -9.89 -3.16
O5D NAI E . -5.55 -9.86 -5.34
C5D NAI E . -5.49 -10.13 -6.73
C4D NAI E . -4.29 -9.41 -7.33
O4D NAI E . -4.33 -7.98 -7.21
C3D NAI E . -2.99 -9.80 -6.68
O3D NAI E . -2.66 -11.08 -7.20
C2D NAI E . -2.07 -8.62 -7.01
O2D NAI E . -1.43 -8.77 -8.28
C1D NAI E . -3.03 -7.42 -7.03
N1N NAI E . -2.88 -6.69 -5.76
C2N NAI E . -2.05 -5.63 -5.65
C3N NAI E . -1.87 -4.98 -4.44
C7N NAI E . -1.01 -3.77 -4.31
O7N NAI E . -0.36 -3.61 -3.30
N7N NAI E . -1.00 -2.87 -5.27
C4N NAI E . -2.55 -5.45 -3.18
C5N NAI E . -3.42 -6.61 -3.40
C6N NAI E . -3.51 -7.18 -4.67
CL CL F . -8.85 -12.07 -5.21
CL CL G . 29.78 -4.19 -3.08
CL CL H . -4.82 -29.09 4.60
CL CL I . -2.73 17.88 -7.20
CL CL J . -4.24 27.66 -4.42
CL CL K . -9.98 -12.06 -7.57
CL CL L . -11.41 -12.18 -5.18
#